data_3ZX6
#
_entry.id   3ZX6
#
_cell.length_a   112.220
_cell.length_b   80.020
_cell.length_c   139.170
_cell.angle_alpha   90.00
_cell.angle_beta   110.78
_cell.angle_gamma   90.00
#
_symmetry.space_group_name_H-M   'C 1 2 1'
#
loop_
_entity.id
_entity.type
_entity.pdbx_description
1 polymer 'HAMP, METHYL-ACCEPTING CHEMOTAXIS PROTEIN I'
2 non-polymer 'CHLORIDE ION'
3 water water
#
_entity_poly.entity_id   1
_entity_poly.type   'polypeptide(L)'
_entity_poly.pdbx_seq_one_letter_code
;MSTITRPIIELSNTVDKIAEGNLEAEVPHQNRADEIGILAKSIERLRRSLMRTVGDVRNGANAIYSGASEIATGNNDLSS
RTEQQAASLEETAASMEQLTATVKQNAENARQASHLALSASETAQRGGKVVDNVVQTMRDISTSSQKIADIISVIDGIAF
QTNILALNAAVEAARAGEQGRGFAVVAGEVRNLAQRSAQAAREIKSLIEDSVGKVDVGSTLVESAGETMAEIVSAVTRVT
DIMGEIASASDEQSRGIDQVGLAVAEMDRVTQQNAALVEESAAAAAALEEQASRLTEAVAVFRIQQQQQQQRETSAVVKT
VTPATPRKMAVADSGENWETF
;
_entity_poly.pdbx_strand_id   A,B
#
loop_
_chem_comp.id
_chem_comp.type
_chem_comp.name
_chem_comp.formula
CL non-polymer 'CHLORIDE ION' 'Cl -1'
#
# COMPACT_ATOMS: atom_id res chain seq x y z
N THR A 3 97.04 -4.24 41.47
CA THR A 3 97.05 -3.51 40.16
C THR A 3 96.24 -4.22 39.07
N ILE A 4 95.87 -5.47 39.36
CA ILE A 4 94.72 -6.13 38.72
C ILE A 4 93.44 -5.78 39.52
N THR A 5 93.54 -5.73 40.85
CA THR A 5 92.41 -5.29 41.66
C THR A 5 91.67 -4.04 41.07
N ARG A 6 92.39 -2.95 40.82
CA ARG A 6 91.80 -1.70 40.33
C ARG A 6 90.89 -1.88 39.08
N PRO A 7 91.41 -2.44 37.95
CA PRO A 7 90.49 -2.58 36.81
C PRO A 7 89.29 -3.48 36.99
N ILE A 8 89.48 -4.73 37.41
CA ILE A 8 88.33 -5.58 37.55
C ILE A 8 87.32 -5.02 38.54
N ILE A 9 87.72 -4.06 39.38
CA ILE A 9 86.74 -3.47 40.29
C ILE A 9 86.04 -2.45 39.47
N GLU A 10 86.78 -1.74 38.62
CA GLU A 10 86.21 -0.74 37.76
C GLU A 10 85.17 -1.39 36.84
N LEU A 11 85.43 -2.61 36.38
CA LEU A 11 84.52 -3.21 35.42
C LEU A 11 83.29 -3.55 36.17
N SER A 12 83.48 -4.14 37.36
CA SER A 12 82.38 -4.42 38.28
C SER A 12 81.52 -3.22 38.47
N ASN A 13 82.12 -2.05 38.54
CA ASN A 13 81.31 -0.88 38.71
C ASN A 13 80.55 -0.61 37.47
N THR A 14 81.19 -0.81 36.32
CA THR A 14 80.55 -0.57 35.06
C THR A 14 79.26 -1.41 34.95
N VAL A 15 79.38 -2.70 35.20
CA VAL A 15 78.20 -3.57 35.29
C VAL A 15 77.11 -2.99 36.18
N ASP A 16 77.51 -2.40 37.29
CA ASP A 16 76.53 -1.96 38.22
C ASP A 16 75.76 -0.83 37.61
N LYS A 17 76.51 -0.03 36.86
CA LYS A 17 76.07 1.25 36.35
C LYS A 17 75.09 0.88 35.24
N ILE A 18 75.37 -0.22 34.54
CA ILE A 18 74.45 -0.77 33.56
C ILE A 18 73.18 -1.38 34.13
N ALA A 19 73.31 -2.00 35.30
CA ALA A 19 72.18 -2.66 35.90
C ALA A 19 71.22 -1.60 36.37
N GLU A 20 71.74 -0.40 36.62
CA GLU A 20 70.89 0.74 37.01
C GLU A 20 70.26 1.36 35.78
N GLY A 21 70.65 0.84 34.61
CA GLY A 21 70.17 1.34 33.31
C GLY A 21 70.96 2.51 32.75
N ASN A 22 72.27 2.48 32.97
CA ASN A 22 73.12 3.50 32.42
C ASN A 22 73.87 2.91 31.28
N LEU A 23 73.38 3.18 30.08
CA LEU A 23 73.88 2.48 28.91
C LEU A 23 74.77 3.31 28.02
N GLU A 24 75.03 4.55 28.42
CA GLU A 24 75.61 5.45 27.46
C GLU A 24 77.07 5.65 27.74
N ALA A 25 77.49 5.47 28.99
CA ALA A 25 78.94 5.50 29.35
C ALA A 25 79.81 4.45 28.63
N GLU A 26 80.99 4.90 28.16
CA GLU A 26 82.04 3.98 27.63
C GLU A 26 82.35 2.83 28.59
N VAL A 27 82.72 1.66 28.02
CA VAL A 27 83.29 0.54 28.79
C VAL A 27 84.81 0.60 28.75
N PRO A 28 85.44 0.70 29.92
CA PRO A 28 86.90 0.77 30.07
C PRO A 28 87.65 -0.53 29.80
N HIS A 29 88.95 -0.42 29.51
CA HIS A 29 89.86 -1.57 29.39
C HIS A 29 89.70 -2.45 28.18
N GLN A 30 89.00 -1.98 27.17
CA GLN A 30 88.84 -2.72 25.92
C GLN A 30 90.15 -2.76 25.08
N ASN A 31 91.15 -2.00 25.51
CA ASN A 31 92.41 -1.81 24.76
C ASN A 31 93.51 -2.73 25.24
N ARG A 32 93.37 -3.20 26.45
CA ARG A 32 94.28 -4.16 26.99
C ARG A 32 94.31 -5.40 26.14
N ALA A 33 95.48 -6.00 26.07
CA ALA A 33 95.61 -7.27 25.40
C ALA A 33 95.78 -8.37 26.41
N ASP A 34 95.32 -8.16 27.64
CA ASP A 34 95.22 -9.26 28.58
C ASP A 34 93.74 -9.68 28.74
N GLU A 35 93.57 -10.84 29.36
CA GLU A 35 92.27 -11.36 29.79
C GLU A 35 91.27 -10.27 30.23
N ILE A 36 91.71 -9.34 31.04
CA ILE A 36 90.85 -8.18 31.31
C ILE A 36 90.19 -7.58 30.05
N GLY A 37 90.94 -7.50 28.93
CA GLY A 37 90.43 -6.98 27.68
C GLY A 37 89.33 -7.87 27.16
N ILE A 38 89.54 -9.17 27.24
CA ILE A 38 88.53 -10.11 26.78
C ILE A 38 87.22 -9.87 27.53
N LEU A 39 87.35 -9.71 28.84
CA LEU A 39 86.16 -9.46 29.63
C LEU A 39 85.56 -8.11 29.38
N ALA A 40 86.40 -7.09 29.16
CA ALA A 40 85.80 -5.78 28.91
C ALA A 40 85.04 -5.89 27.59
N LYS A 41 85.66 -6.51 26.59
CA LYS A 41 84.95 -6.61 25.32
C LYS A 41 83.57 -7.26 25.51
N SER A 42 83.55 -8.44 26.14
CA SER A 42 82.28 -9.07 26.62
C SER A 42 81.28 -8.09 27.17
N ILE A 43 81.73 -7.24 28.08
CA ILE A 43 80.82 -6.25 28.66
C ILE A 43 80.38 -5.16 27.68
N GLU A 44 81.25 -4.70 26.80
CA GLU A 44 80.85 -3.66 25.87
C GLU A 44 79.79 -4.22 24.94
N ARG A 45 79.95 -5.50 24.63
CA ARG A 45 79.03 -6.28 23.82
C ARG A 45 77.68 -6.34 24.55
N LEU A 46 77.72 -6.51 25.89
CA LEU A 46 76.49 -6.57 26.68
C LEU A 46 75.82 -5.25 26.50
N ARG A 47 76.55 -4.19 26.82
CA ARG A 47 76.01 -2.84 26.71
C ARG A 47 75.42 -2.59 25.35
N ARG A 48 76.10 -2.99 24.28
CA ARG A 48 75.48 -2.83 22.97
C ARG A 48 74.18 -3.65 22.80
N SER A 49 74.21 -4.94 23.19
CA SER A 49 73.07 -5.86 23.11
C SER A 49 71.91 -5.33 23.94
N LEU A 50 72.18 -4.76 25.10
CA LEU A 50 71.05 -4.11 25.79
C LEU A 50 70.48 -2.91 25.06
N MET A 51 71.36 -2.05 24.54
CA MET A 51 70.95 -0.88 23.70
C MET A 51 69.91 -1.21 22.62
N ARG A 52 70.26 -2.18 21.78
CA ARG A 52 69.40 -2.65 20.71
C ARG A 52 68.08 -3.18 21.24
N THR A 53 68.11 -3.90 22.36
CA THR A 53 66.87 -4.39 22.99
C THR A 53 65.94 -3.27 23.48
N VAL A 54 66.40 -2.40 24.35
CA VAL A 54 65.59 -1.23 24.71
C VAL A 54 65.01 -0.52 23.48
N GLY A 55 65.83 -0.32 22.45
CA GLY A 55 65.43 0.29 21.18
C GLY A 55 64.23 -0.39 20.52
N ASP A 56 64.39 -1.66 20.17
CA ASP A 56 63.27 -2.54 19.81
C ASP A 56 62.02 -2.47 20.71
N VAL A 57 62.16 -2.65 22.00
CA VAL A 57 61.00 -2.56 22.83
C VAL A 57 60.37 -1.19 22.63
N ARG A 58 61.15 -0.11 22.67
CA ARG A 58 60.56 1.23 22.52
C ARG A 58 59.84 1.42 21.17
N ASN A 59 60.46 0.98 20.08
CA ASN A 59 59.75 1.04 18.82
C ASN A 59 58.43 0.24 18.92
N GLY A 60 58.46 -0.96 19.55
CA GLY A 60 57.25 -1.78 19.74
C GLY A 60 56.16 -0.99 20.47
N ALA A 61 56.51 -0.31 21.56
CA ALA A 61 55.57 0.50 22.31
C ALA A 61 54.95 1.58 21.45
N ASN A 62 55.77 2.23 20.64
CA ASN A 62 55.26 3.32 19.81
C ASN A 62 54.42 2.82 18.67
N ALA A 63 54.75 1.65 18.12
CA ALA A 63 53.92 1.04 17.09
C ALA A 63 52.53 0.80 17.66
N ILE A 64 52.49 0.19 18.84
CA ILE A 64 51.22 -0.19 19.39
C ILE A 64 50.42 1.03 19.78
N TYR A 65 51.03 1.96 20.46
CA TYR A 65 50.39 3.24 20.68
C TYR A 65 49.78 3.83 19.37
N SER A 66 50.43 3.60 18.22
CA SER A 66 49.90 4.01 16.93
C SER A 66 48.63 3.26 16.49
N GLY A 67 48.65 1.94 16.58
CA GLY A 67 47.45 1.13 16.31
C GLY A 67 46.34 1.42 17.31
N ALA A 68 46.67 1.59 18.58
CA ALA A 68 45.62 1.92 19.53
C ALA A 68 44.92 3.18 19.03
N SER A 69 45.71 4.16 18.65
CA SER A 69 45.14 5.40 18.19
C SER A 69 44.30 5.20 16.91
N GLU A 70 44.70 4.25 16.06
CA GLU A 70 44.04 4.02 14.78
C GLU A 70 42.73 3.27 14.88
N ILE A 71 42.74 2.20 15.68
CA ILE A 71 41.53 1.50 16.05
C ILE A 71 40.58 2.54 16.65
N ALA A 72 41.10 3.41 17.49
CA ALA A 72 40.26 4.36 18.18
C ALA A 72 39.50 5.19 17.17
N THR A 73 40.18 5.84 16.24
CA THR A 73 39.45 6.74 15.33
C THR A 73 38.59 5.95 14.32
N GLY A 74 39.03 4.75 13.93
CA GLY A 74 38.21 3.83 13.16
C GLY A 74 36.97 3.46 13.98
N ASN A 75 37.14 3.34 15.28
CA ASN A 75 36.01 3.10 16.17
C ASN A 75 35.03 4.22 16.26
N ASN A 76 35.51 5.46 16.48
CA ASN A 76 34.61 6.61 16.68
C ASN A 76 33.77 6.82 15.47
N ASP A 77 34.23 6.28 14.34
CA ASP A 77 33.49 6.38 13.09
C ASP A 77 32.38 5.35 13.07
N LEU A 78 32.75 4.07 13.05
CA LEU A 78 31.79 3.01 13.16
C LEU A 78 30.75 3.32 14.23
N SER A 79 31.15 4.00 15.29
CA SER A 79 30.19 4.44 16.26
C SER A 79 29.12 5.31 15.58
N SER A 80 29.35 6.62 15.45
CA SER A 80 28.34 7.55 14.85
C SER A 80 27.75 7.03 13.52
N ARG A 81 28.51 6.22 12.80
CA ARG A 81 27.98 5.61 11.61
C ARG A 81 26.93 4.57 12.00
N THR A 82 27.16 3.84 13.10
CA THR A 82 26.21 2.83 13.60
C THR A 82 24.98 3.46 14.21
N GLU A 83 25.15 4.63 14.81
CA GLU A 83 24.04 5.43 15.29
C GLU A 83 23.12 5.82 14.16
N GLN A 84 23.68 6.53 13.19
CA GLN A 84 23.04 6.81 11.92
C GLN A 84 22.21 5.60 11.45
N GLN A 85 22.81 4.42 11.39
CA GLN A 85 22.08 3.23 10.99
C GLN A 85 20.85 2.98 11.86
N ALA A 86 20.98 2.91 13.19
CA ALA A 86 19.80 2.68 14.04
C ALA A 86 18.70 3.75 13.85
N ALA A 87 19.08 5.02 13.66
CA ALA A 87 18.14 6.12 13.33
C ALA A 87 17.41 5.89 12.00
N SER A 88 18.17 5.64 10.95
CA SER A 88 17.63 5.21 9.67
C SER A 88 16.71 4.01 9.79
N LEU A 89 16.93 3.18 10.79
CA LEU A 89 16.24 1.92 10.88
C LEU A 89 14.89 2.07 11.58
N GLU A 90 14.74 3.15 12.33
CA GLU A 90 13.52 3.40 13.05
C GLU A 90 12.56 4.21 12.19
N GLU A 91 13.13 5.16 11.44
CA GLU A 91 12.48 5.81 10.32
C GLU A 91 11.85 4.73 9.41
N THR A 92 12.58 3.68 9.02
CA THR A 92 11.91 2.64 8.27
C THR A 92 11.01 1.70 9.11
N ALA A 93 11.14 1.68 10.45
CA ALA A 93 10.20 0.90 11.24
C ALA A 93 8.85 1.62 11.28
N ALA A 94 8.91 2.91 11.61
CA ALA A 94 7.77 3.81 11.62
C ALA A 94 6.96 3.64 10.35
N SER A 95 7.65 3.69 9.21
CA SER A 95 6.98 3.60 7.94
C SER A 95 6.27 2.24 7.73
N MET A 96 6.93 1.12 7.96
CA MET A 96 6.23 -0.17 7.84
C MET A 96 4.99 -0.34 8.72
N GLU A 97 4.90 0.43 9.80
CA GLU A 97 3.74 0.41 10.66
C GLU A 97 2.61 1.17 9.94
N GLN A 98 2.89 2.36 9.45
CA GLN A 98 1.96 3.07 8.56
C GLN A 98 1.50 2.27 7.31
N LEU A 99 2.42 1.61 6.66
CA LEU A 99 2.07 0.74 5.54
C LEU A 99 1.16 -0.43 5.92
N THR A 100 1.35 -1.10 7.06
CA THR A 100 0.32 -2.10 7.44
C THR A 100 -1.02 -1.42 7.73
N ALA A 101 -1.02 -0.19 8.25
CA ALA A 101 -2.24 0.50 8.65
C ALA A 101 -3.03 0.76 7.41
N THR A 102 -2.36 1.47 6.51
CA THR A 102 -2.88 1.81 5.21
C THR A 102 -3.27 0.60 4.36
N VAL A 103 -2.49 -0.46 4.37
CA VAL A 103 -2.92 -1.64 3.63
C VAL A 103 -4.20 -2.29 4.16
N LYS A 104 -4.28 -2.47 5.48
CA LYS A 104 -5.42 -3.11 6.15
C LYS A 104 -6.71 -2.31 5.85
N GLN A 105 -6.61 -0.97 5.92
CA GLN A 105 -7.71 -0.07 5.65
C GLN A 105 -8.21 -0.21 4.20
N ASN A 106 -7.33 0.03 3.23
CA ASN A 106 -7.61 -0.27 1.84
C ASN A 106 -8.25 -1.60 1.55
N ALA A 107 -7.97 -2.62 2.34
CA ALA A 107 -8.59 -3.92 2.10
C ALA A 107 -10.04 -3.91 2.61
N GLU A 108 -10.27 -3.34 3.79
CA GLU A 108 -11.62 -3.20 4.31
C GLU A 108 -12.39 -2.23 3.38
N ASN A 109 -11.73 -1.15 2.94
CA ASN A 109 -12.38 -0.19 2.05
C ASN A 109 -12.81 -0.74 0.70
N ALA A 110 -12.09 -1.76 0.21
CA ALA A 110 -12.46 -2.51 -1.01
C ALA A 110 -13.61 -3.48 -0.72
N ARG A 111 -13.49 -4.18 0.39
CA ARG A 111 -14.49 -5.11 0.83
C ARG A 111 -15.83 -4.37 1.04
N GLN A 112 -15.81 -3.15 1.57
CA GLN A 112 -17.03 -2.34 1.62
C GLN A 112 -17.58 -2.11 0.20
N ALA A 113 -16.87 -1.35 -0.64
CA ALA A 113 -17.31 -1.03 -1.99
C ALA A 113 -17.93 -2.20 -2.72
N SER A 114 -17.28 -3.34 -2.59
CA SER A 114 -17.78 -4.57 -3.20
C SER A 114 -19.17 -4.95 -2.69
N HIS A 115 -19.36 -4.98 -1.38
CA HIS A 115 -20.67 -5.30 -0.83
C HIS A 115 -21.63 -4.24 -1.21
N LEU A 116 -21.17 -3.00 -1.25
CA LEU A 116 -21.99 -1.89 -1.66
C LEU A 116 -22.42 -1.99 -3.13
N ALA A 117 -21.49 -2.28 -4.03
CA ALA A 117 -21.83 -2.39 -5.45
C ALA A 117 -22.72 -3.59 -5.74
N LEU A 118 -22.48 -4.72 -5.10
CA LEU A 118 -23.32 -5.86 -5.38
C LEU A 118 -24.74 -5.47 -4.97
N SER A 119 -24.85 -4.59 -3.99
CA SER A 119 -26.13 -4.10 -3.55
C SER A 119 -26.82 -3.28 -4.62
N ALA A 120 -26.07 -2.40 -5.27
CA ALA A 120 -26.62 -1.61 -6.39
C ALA A 120 -27.03 -2.54 -7.52
N SER A 121 -26.15 -3.46 -7.87
CA SER A 121 -26.49 -4.53 -8.80
C SER A 121 -27.82 -5.21 -8.52
N GLU A 122 -28.03 -5.61 -7.26
CA GLU A 122 -29.26 -6.35 -6.94
C GLU A 122 -30.51 -5.47 -6.85
N THR A 123 -30.38 -4.24 -6.39
CA THR A 123 -31.49 -3.33 -6.52
C THR A 123 -31.72 -2.79 -7.98
N ALA A 124 -30.69 -2.82 -8.81
CA ALA A 124 -30.90 -2.50 -10.21
C ALA A 124 -31.60 -3.64 -10.96
N GLN A 125 -31.39 -4.88 -10.56
CA GLN A 125 -31.99 -5.96 -11.28
C GLN A 125 -33.44 -6.02 -10.91
N ARG A 126 -33.73 -5.78 -9.63
CA ARG A 126 -35.13 -5.72 -9.17
C ARG A 126 -35.87 -4.61 -9.92
N GLY A 127 -35.29 -3.40 -9.92
CA GLY A 127 -35.81 -2.32 -10.71
C GLY A 127 -35.90 -2.67 -12.18
N GLY A 128 -35.06 -3.59 -12.61
CA GLY A 128 -35.19 -4.06 -13.96
C GLY A 128 -36.57 -4.66 -14.21
N LYS A 129 -37.02 -5.50 -13.26
CA LYS A 129 -38.23 -6.30 -13.44
C LYS A 129 -39.51 -5.47 -13.28
N VAL A 130 -39.45 -4.51 -12.37
CA VAL A 130 -40.44 -3.49 -12.31
C VAL A 130 -40.55 -2.68 -13.58
N VAL A 131 -39.44 -2.35 -14.23
CA VAL A 131 -39.57 -1.71 -15.55
C VAL A 131 -40.24 -2.60 -16.60
N ASP A 132 -39.84 -3.87 -16.66
CA ASP A 132 -40.57 -4.78 -17.51
C ASP A 132 -42.08 -4.65 -17.35
N ASN A 133 -42.60 -4.89 -16.16
CA ASN A 133 -44.02 -4.75 -15.96
C ASN A 133 -44.59 -3.46 -16.50
N VAL A 134 -43.98 -2.33 -16.18
CA VAL A 134 -44.44 -1.06 -16.74
C VAL A 134 -44.46 -1.00 -18.27
N VAL A 135 -43.41 -1.51 -18.89
CA VAL A 135 -43.35 -1.58 -20.36
C VAL A 135 -44.59 -2.32 -20.89
N GLN A 136 -44.94 -3.38 -20.21
CA GLN A 136 -45.94 -4.26 -20.70
C GLN A 136 -47.23 -3.48 -20.58
N THR A 137 -47.43 -2.91 -19.42
CA THR A 137 -48.69 -2.28 -19.18
C THR A 137 -48.85 -1.07 -20.10
N MET A 138 -47.76 -0.48 -20.49
CA MET A 138 -47.85 0.52 -21.51
C MET A 138 -48.28 -0.06 -22.85
N ARG A 139 -47.91 -1.28 -23.14
CA ARG A 139 -48.26 -1.81 -24.43
C ARG A 139 -49.76 -2.02 -24.49
N ASP A 140 -50.30 -2.52 -23.40
CA ASP A 140 -51.72 -2.73 -23.24
C ASP A 140 -52.53 -1.46 -23.44
N ILE A 141 -52.10 -0.41 -22.75
CA ILE A 141 -52.71 0.92 -22.89
C ILE A 141 -52.67 1.43 -24.31
N SER A 142 -51.57 1.18 -25.00
CA SER A 142 -51.48 1.49 -26.38
C SER A 142 -52.52 0.74 -27.21
N THR A 143 -52.70 -0.55 -26.98
CA THR A 143 -53.68 -1.30 -27.71
C THR A 143 -55.13 -0.80 -27.44
N SER A 144 -55.48 -0.70 -26.16
CA SER A 144 -56.78 -0.23 -25.77
C SER A 144 -57.04 1.09 -26.41
N SER A 145 -56.04 1.95 -26.44
CA SER A 145 -56.26 3.29 -26.96
C SER A 145 -56.51 3.27 -28.45
N GLN A 146 -55.76 2.47 -29.19
CA GLN A 146 -56.10 2.45 -30.58
C GLN A 146 -57.56 1.91 -30.81
N LYS A 147 -57.97 0.89 -30.03
CA LYS A 147 -59.32 0.31 -30.16
C LYS A 147 -60.36 1.40 -29.87
N ILE A 148 -60.05 2.24 -28.91
CA ILE A 148 -60.92 3.37 -28.72
C ILE A 148 -60.99 4.27 -29.97
N ALA A 149 -59.86 4.58 -30.63
CA ALA A 149 -59.93 5.38 -31.89
C ALA A 149 -60.84 4.74 -32.89
N ASP A 150 -60.85 3.42 -32.86
CA ASP A 150 -61.50 2.72 -33.87
C ASP A 150 -63.03 2.80 -33.65
N ILE A 151 -63.47 2.47 -32.44
CA ILE A 151 -64.85 2.47 -32.07
C ILE A 151 -65.35 3.90 -32.05
N ILE A 152 -64.66 4.81 -31.40
CA ILE A 152 -65.18 6.16 -31.63
C ILE A 152 -65.37 6.50 -33.14
N SER A 153 -64.53 6.02 -34.10
CA SER A 153 -64.84 6.37 -35.55
C SER A 153 -66.13 5.69 -36.05
N VAL A 154 -66.38 4.48 -35.55
CA VAL A 154 -67.64 3.85 -35.79
C VAL A 154 -68.86 4.74 -35.27
N ILE A 155 -68.77 5.28 -34.07
CA ILE A 155 -69.87 6.03 -33.53
C ILE A 155 -70.00 7.28 -34.39
N ASP A 156 -68.94 7.94 -34.72
CA ASP A 156 -69.11 8.99 -35.73
C ASP A 156 -69.90 8.51 -36.95
N GLY A 157 -69.68 7.27 -37.42
CA GLY A 157 -70.42 6.76 -38.60
C GLY A 157 -71.94 6.65 -38.34
N ILE A 158 -72.26 6.13 -37.18
CA ILE A 158 -73.60 5.84 -36.88
C ILE A 158 -74.33 7.13 -36.84
N ALA A 159 -73.82 8.10 -36.08
CA ALA A 159 -74.37 9.47 -36.14
C ALA A 159 -74.56 9.91 -37.60
N PHE A 160 -73.56 9.76 -38.45
CA PHE A 160 -73.81 10.23 -39.83
C PHE A 160 -75.03 9.60 -40.48
N GLN A 161 -75.04 8.27 -40.39
CA GLN A 161 -76.11 7.43 -40.84
C GLN A 161 -77.46 7.78 -40.22
N THR A 162 -77.53 8.02 -38.90
CA THR A 162 -78.84 8.31 -38.36
C THR A 162 -79.27 9.70 -38.79
N ASN A 163 -78.35 10.63 -38.85
CA ASN A 163 -78.65 11.84 -39.61
C ASN A 163 -79.23 11.62 -41.02
N ILE A 164 -78.82 10.57 -41.73
CA ILE A 164 -79.41 10.41 -43.07
C ILE A 164 -80.85 9.87 -42.96
N LEU A 165 -81.08 8.96 -42.04
CA LEU A 165 -82.39 8.46 -41.89
C LEU A 165 -83.38 9.59 -41.48
N ALA A 166 -82.91 10.62 -40.78
CA ALA A 166 -83.81 11.72 -40.45
C ALA A 166 -84.37 12.33 -41.73
N LEU A 167 -83.62 12.22 -42.83
CA LEU A 167 -84.11 12.65 -44.10
C LEU A 167 -85.29 11.77 -44.50
N ASN A 168 -85.07 10.47 -44.66
CA ASN A 168 -86.15 9.53 -44.88
C ASN A 168 -87.36 9.69 -43.93
N ALA A 169 -87.12 9.87 -42.63
CA ALA A 169 -88.27 10.02 -41.74
C ALA A 169 -89.04 11.31 -42.02
N ALA A 170 -88.34 12.36 -42.43
CA ALA A 170 -89.00 13.60 -42.82
C ALA A 170 -89.83 13.38 -44.05
N VAL A 171 -89.34 12.52 -44.93
CA VAL A 171 -90.00 12.35 -46.19
C VAL A 171 -91.15 11.37 -46.05
N GLU A 172 -91.03 10.49 -45.09
CA GLU A 172 -92.13 9.60 -44.78
C GLU A 172 -93.20 10.34 -43.94
N ALA A 173 -92.79 11.29 -43.10
CA ALA A 173 -93.76 12.07 -42.32
C ALA A 173 -94.66 12.91 -43.23
N ALA A 174 -94.07 13.82 -44.01
CA ALA A 174 -94.82 14.65 -44.96
C ALA A 174 -95.75 13.89 -45.93
N ARG A 175 -95.79 12.56 -45.87
CA ARG A 175 -96.82 11.85 -46.59
C ARG A 175 -98.25 12.05 -46.05
N ALA A 176 -98.42 12.31 -44.76
CA ALA A 176 -99.71 12.85 -44.25
C ALA A 176 -99.55 14.24 -43.55
N GLY A 177 -99.63 15.34 -44.32
CA GLY A 177 -99.60 16.70 -43.75
C GLY A 177 -100.78 16.77 -42.79
N GLU A 178 -100.65 17.52 -41.69
CA GLU A 178 -101.67 17.51 -40.59
C GLU A 178 -101.80 16.17 -39.80
N GLN A 179 -101.27 15.06 -40.33
CA GLN A 179 -101.19 13.74 -39.62
C GLN A 179 -99.77 13.35 -39.15
N GLY A 180 -98.81 13.49 -40.07
CA GLY A 180 -97.41 13.25 -39.82
C GLY A 180 -96.69 14.50 -39.38
N ARG A 181 -97.44 15.42 -38.78
CA ARG A 181 -96.84 16.58 -38.14
C ARG A 181 -95.97 16.14 -36.98
N GLY A 182 -96.54 15.39 -36.02
CA GLY A 182 -95.74 14.75 -34.96
C GLY A 182 -94.56 13.90 -35.48
N PHE A 183 -94.82 13.09 -36.48
CA PHE A 183 -93.78 12.44 -37.23
C PHE A 183 -92.64 13.41 -37.63
N ALA A 184 -92.97 14.50 -38.34
CA ALA A 184 -91.98 15.50 -38.69
C ALA A 184 -91.19 15.99 -37.49
N VAL A 185 -91.86 16.24 -36.36
CA VAL A 185 -91.10 16.65 -35.19
C VAL A 185 -90.15 15.55 -34.78
N VAL A 186 -90.58 14.30 -34.79
CA VAL A 186 -89.66 13.23 -34.41
C VAL A 186 -88.45 13.26 -35.35
N ALA A 187 -88.69 13.29 -36.64
CA ALA A 187 -87.55 13.27 -37.55
C ALA A 187 -86.59 14.46 -37.27
N GLY A 188 -87.11 15.66 -37.03
CA GLY A 188 -86.31 16.76 -36.54
C GLY A 188 -85.51 16.32 -35.34
N GLU A 189 -86.15 15.92 -34.23
CA GLU A 189 -85.43 15.42 -33.03
C GLU A 189 -84.27 14.51 -33.33
N VAL A 190 -84.52 13.56 -34.23
CA VAL A 190 -83.54 12.56 -34.59
C VAL A 190 -82.30 13.27 -35.14
N ARG A 191 -82.54 14.23 -36.03
CA ARG A 191 -81.46 15.00 -36.66
C ARG A 191 -80.63 15.74 -35.61
N ASN A 192 -81.33 16.46 -34.74
CA ASN A 192 -80.69 17.11 -33.59
C ASN A 192 -79.90 16.11 -32.71
N LEU A 193 -80.42 14.90 -32.53
CA LEU A 193 -79.75 13.96 -31.67
C LEU A 193 -78.50 13.46 -32.32
N ALA A 194 -78.60 13.13 -33.60
CA ALA A 194 -77.40 12.79 -34.40
C ALA A 194 -76.25 13.87 -34.37
N GLN A 195 -76.62 15.13 -34.50
CA GLN A 195 -75.59 16.13 -34.55
C GLN A 195 -74.82 16.35 -33.27
N ARG A 196 -75.51 16.23 -32.13
CA ARG A 196 -74.87 16.41 -30.85
C ARG A 196 -74.01 15.19 -30.66
N SER A 197 -74.56 14.07 -31.10
CA SER A 197 -73.87 12.82 -30.92
C SER A 197 -72.60 12.78 -31.75
N ALA A 198 -72.63 13.40 -32.96
CA ALA A 198 -71.39 13.54 -33.74
C ALA A 198 -70.43 14.49 -33.07
N GLN A 199 -70.91 15.57 -32.46
CA GLN A 199 -70.01 16.50 -31.76
C GLN A 199 -69.21 15.79 -30.73
N ALA A 200 -69.91 15.08 -29.89
CA ALA A 200 -69.24 14.30 -28.88
C ALA A 200 -68.22 13.38 -29.55
N ALA A 201 -68.62 12.73 -30.63
CA ALA A 201 -67.69 11.86 -31.31
C ALA A 201 -66.38 12.56 -31.62
N ARG A 202 -66.47 13.72 -32.28
CA ARG A 202 -65.27 14.40 -32.69
C ARG A 202 -64.45 14.89 -31.53
N GLU A 203 -65.07 15.23 -30.41
CA GLU A 203 -64.27 15.69 -29.30
C GLU A 203 -63.42 14.53 -28.89
N ILE A 204 -64.07 13.39 -28.75
CA ILE A 204 -63.34 12.21 -28.39
C ILE A 204 -62.16 11.91 -29.37
N LYS A 205 -62.39 12.04 -30.69
CA LYS A 205 -61.26 11.89 -31.64
C LYS A 205 -60.02 12.70 -31.25
N SER A 206 -60.19 14.02 -31.09
CA SER A 206 -59.09 14.86 -30.60
C SER A 206 -58.49 14.30 -29.35
N LEU A 207 -59.31 14.04 -28.34
CA LEU A 207 -58.75 13.58 -27.11
C LEU A 207 -57.97 12.30 -27.31
N ILE A 208 -58.56 11.33 -27.99
CA ILE A 208 -57.90 10.05 -28.10
C ILE A 208 -56.65 10.09 -28.98
N GLU A 209 -56.61 10.91 -30.02
CA GLU A 209 -55.41 10.96 -30.83
C GLU A 209 -54.27 11.57 -30.06
N ASP A 210 -54.52 12.71 -29.46
CA ASP A 210 -53.57 13.26 -28.55
C ASP A 210 -53.07 12.13 -27.61
N SER A 211 -54.01 11.53 -26.91
CA SER A 211 -53.69 10.57 -25.91
C SER A 211 -52.79 9.44 -26.45
N VAL A 212 -53.04 9.05 -27.68
CA VAL A 212 -52.23 8.00 -28.31
C VAL A 212 -50.79 8.45 -28.47
N GLY A 213 -50.60 9.74 -28.82
CA GLY A 213 -49.28 10.35 -28.83
C GLY A 213 -48.59 10.14 -27.49
N LYS A 214 -49.32 10.44 -26.43
CA LYS A 214 -48.76 10.33 -25.11
C LYS A 214 -48.28 8.93 -24.67
N VAL A 215 -49.08 7.91 -24.96
CA VAL A 215 -48.69 6.52 -24.63
C VAL A 215 -47.41 6.08 -25.34
N ASP A 216 -47.28 6.42 -26.63
CA ASP A 216 -46.06 6.13 -27.41
C ASP A 216 -44.84 6.86 -26.87
N VAL A 217 -44.97 8.12 -26.48
CA VAL A 217 -43.91 8.79 -25.76
C VAL A 217 -43.67 8.11 -24.41
N GLY A 218 -44.70 7.97 -23.61
CA GLY A 218 -44.45 7.37 -22.31
C GLY A 218 -43.86 5.98 -22.50
N SER A 219 -44.20 5.34 -23.62
CA SER A 219 -43.59 4.06 -23.86
C SER A 219 -42.05 4.07 -24.11
N THR A 220 -41.57 5.10 -24.81
CA THR A 220 -40.16 5.23 -25.11
C THR A 220 -39.38 5.68 -23.88
N LEU A 221 -40.05 6.40 -23.01
CA LEU A 221 -39.43 6.78 -21.78
C LEU A 221 -39.27 5.61 -20.89
N VAL A 222 -40.34 4.89 -20.64
CA VAL A 222 -40.21 3.66 -19.88
C VAL A 222 -39.17 2.69 -20.47
N GLU A 223 -39.09 2.59 -21.80
CA GLU A 223 -38.21 1.60 -22.39
C GLU A 223 -36.74 1.99 -22.10
N SER A 224 -36.49 3.30 -22.04
CA SER A 224 -35.17 3.80 -21.80
C SER A 224 -34.82 3.60 -20.34
N ALA A 225 -35.73 3.94 -19.44
CA ALA A 225 -35.58 3.53 -18.06
C ALA A 225 -35.04 2.08 -17.93
N GLY A 226 -35.42 1.18 -18.84
CA GLY A 226 -34.82 -0.15 -18.85
C GLY A 226 -33.39 -0.19 -19.36
N GLU A 227 -33.07 0.60 -20.39
CA GLU A 227 -31.69 0.70 -20.83
C GLU A 227 -30.88 0.99 -19.55
N THR A 228 -31.34 2.01 -18.83
CA THR A 228 -30.69 2.51 -17.62
C THR A 228 -30.39 1.43 -16.61
N MET A 229 -31.38 0.62 -16.27
CA MET A 229 -31.10 -0.44 -15.35
C MET A 229 -29.99 -1.35 -15.88
N ALA A 230 -30.12 -1.84 -17.11
CA ALA A 230 -29.06 -2.67 -17.71
C ALA A 230 -27.67 -2.05 -17.59
N GLU A 231 -27.57 -0.73 -17.75
CA GLU A 231 -26.32 -0.04 -17.87
C GLU A 231 -25.64 0.09 -16.50
N ILE A 232 -26.41 0.51 -15.51
CA ILE A 232 -25.99 0.46 -14.14
C ILE A 232 -25.47 -0.94 -13.79
N VAL A 233 -26.30 -1.98 -13.99
CA VAL A 233 -25.87 -3.33 -13.61
C VAL A 233 -24.48 -3.57 -14.16
N SER A 234 -24.29 -3.20 -15.41
CA SER A 234 -23.02 -3.35 -16.10
C SER A 234 -21.87 -2.54 -15.43
N ALA A 235 -22.05 -1.26 -15.22
CA ALA A 235 -20.99 -0.48 -14.63
C ALA A 235 -20.80 -0.91 -13.19
N VAL A 236 -21.84 -1.42 -12.55
CA VAL A 236 -21.62 -1.74 -11.15
C VAL A 236 -20.92 -3.10 -11.04
N THR A 237 -21.08 -3.97 -12.04
CA THR A 237 -20.37 -5.24 -11.98
C THR A 237 -18.88 -5.00 -12.16
N ARG A 238 -18.52 -4.19 -13.15
CA ARG A 238 -17.12 -3.91 -13.43
C ARG A 238 -16.48 -3.29 -12.19
N VAL A 239 -17.24 -2.52 -11.40
CA VAL A 239 -16.74 -2.00 -10.11
C VAL A 239 -16.38 -3.15 -9.17
N THR A 240 -17.23 -4.15 -9.09
CA THR A 240 -17.00 -5.28 -8.22
C THR A 240 -15.72 -6.07 -8.56
N ASP A 241 -15.45 -6.21 -9.86
CA ASP A 241 -14.22 -6.84 -10.29
C ASP A 241 -13.00 -6.05 -9.82
N ILE A 242 -12.89 -4.79 -10.25
CA ILE A 242 -11.86 -3.88 -9.80
C ILE A 242 -11.55 -4.08 -8.29
N MET A 243 -12.58 -4.12 -7.43
CA MET A 243 -12.39 -4.44 -6.00
C MET A 243 -11.77 -5.84 -5.73
N GLY A 244 -12.29 -6.89 -6.36
CA GLY A 244 -11.69 -8.21 -6.24
C GLY A 244 -10.20 -8.14 -6.45
N GLU A 245 -9.77 -7.18 -7.27
CA GLU A 245 -8.39 -7.09 -7.67
C GLU A 245 -7.62 -6.28 -6.66
N ILE A 246 -8.28 -5.32 -6.03
CA ILE A 246 -7.61 -4.51 -5.05
C ILE A 246 -7.36 -5.34 -3.80
N ALA A 247 -8.29 -6.23 -3.50
CA ALA A 247 -8.21 -7.13 -2.34
C ALA A 247 -7.03 -8.06 -2.51
N SER A 248 -6.86 -8.53 -3.74
CA SER A 248 -5.79 -9.44 -4.09
C SER A 248 -4.41 -8.78 -4.04
N ALA A 249 -4.34 -7.48 -4.34
CA ALA A 249 -3.09 -6.75 -4.32
C ALA A 249 -2.83 -6.18 -2.95
N SER A 250 -3.78 -6.38 -2.05
CA SER A 250 -3.66 -5.86 -0.71
C SER A 250 -3.15 -6.90 0.25
N ASP A 251 -3.72 -8.11 0.18
CA ASP A 251 -3.17 -9.26 0.93
C ASP A 251 -1.84 -9.70 0.29
N GLU A 252 -1.54 -9.11 -0.86
CA GLU A 252 -0.27 -9.24 -1.53
C GLU A 252 0.77 -8.33 -0.88
N GLN A 253 0.47 -7.03 -0.84
CA GLN A 253 1.25 -6.04 -0.12
C GLN A 253 1.42 -6.44 1.34
N SER A 254 0.41 -7.12 1.86
CA SER A 254 0.40 -7.58 3.24
C SER A 254 1.58 -8.52 3.52
N ARG A 255 1.79 -9.49 2.63
CA ARG A 255 2.83 -10.48 2.85
C ARG A 255 4.24 -9.97 2.46
N GLY A 256 4.29 -8.77 1.91
CA GLY A 256 5.53 -8.17 1.43
C GLY A 256 5.99 -7.21 2.49
N ILE A 257 5.05 -6.54 3.13
CA ILE A 257 5.33 -5.74 4.32
C ILE A 257 5.87 -6.68 5.38
N ASP A 258 5.13 -7.78 5.54
CA ASP A 258 5.48 -8.87 6.41
C ASP A 258 6.96 -9.30 6.23
N GLN A 259 7.33 -9.72 5.03
CA GLN A 259 8.74 -10.08 4.75
C GLN A 259 9.76 -8.96 4.96
N VAL A 260 9.30 -7.71 4.91
CA VAL A 260 10.19 -6.62 5.18
C VAL A 260 10.40 -6.42 6.70
N GLY A 261 9.32 -6.43 7.47
CA GLY A 261 9.42 -6.41 8.94
C GLY A 261 10.38 -7.47 9.47
N LEU A 262 10.46 -8.57 8.75
CA LEU A 262 11.36 -9.63 9.11
C LEU A 262 12.81 -9.17 8.83
N ALA A 263 13.10 -8.73 7.61
CA ALA A 263 14.45 -8.26 7.30
C ALA A 263 14.88 -7.09 8.20
N VAL A 264 13.89 -6.39 8.77
CA VAL A 264 14.19 -5.26 9.63
C VAL A 264 14.57 -5.74 11.03
N ALA A 265 13.85 -6.73 11.55
CA ALA A 265 14.23 -7.39 12.80
C ALA A 265 15.68 -7.88 12.66
N GLU A 266 16.01 -8.53 11.55
CA GLU A 266 17.39 -8.87 11.25
C GLU A 266 18.28 -7.67 11.47
N MET A 267 17.95 -6.57 10.82
CA MET A 267 18.85 -5.45 10.85
C MET A 267 18.99 -4.76 12.20
N ASP A 268 17.94 -4.56 12.95
CA ASP A 268 18.27 -3.99 14.24
C ASP A 268 18.98 -5.01 15.15
N ARG A 269 18.95 -6.31 14.81
CA ARG A 269 19.74 -7.26 15.57
C ARG A 269 21.20 -6.97 15.26
N VAL A 270 21.56 -6.92 13.99
CA VAL A 270 22.94 -6.64 13.70
C VAL A 270 23.39 -5.25 14.13
N THR A 271 22.55 -4.22 14.05
CA THR A 271 22.93 -2.90 14.57
C THR A 271 23.27 -2.99 16.06
N GLN A 272 22.40 -3.68 16.82
CA GLN A 272 22.58 -3.89 18.27
C GLN A 272 23.97 -4.48 18.54
N GLN A 273 24.36 -5.47 17.73
CA GLN A 273 25.67 -6.11 17.85
C GLN A 273 26.79 -5.16 17.52
N ASN A 274 26.57 -4.31 16.53
CA ASN A 274 27.59 -3.30 16.21
C ASN A 274 27.78 -2.31 17.33
N ALA A 275 26.69 -1.96 17.99
CA ALA A 275 26.80 -1.24 19.23
C ALA A 275 27.77 -1.98 20.21
N ALA A 276 27.61 -3.30 20.35
CA ALA A 276 28.41 -4.05 21.30
C ALA A 276 29.85 -4.00 20.82
N LEU A 277 30.09 -4.47 19.60
CA LEU A 277 31.39 -4.32 18.98
C LEU A 277 32.01 -2.98 19.26
N VAL A 278 31.31 -1.86 19.12
CA VAL A 278 31.94 -0.56 19.41
C VAL A 278 32.48 -0.41 20.84
N GLU A 279 31.64 -0.74 21.84
CA GLU A 279 32.03 -0.62 23.24
C GLU A 279 33.26 -1.47 23.47
N GLU A 280 33.26 -2.68 22.96
CA GLU A 280 34.39 -3.59 23.09
C GLU A 280 35.64 -3.03 22.38
N SER A 281 35.42 -2.48 21.19
CA SER A 281 36.56 -2.01 20.49
C SER A 281 37.23 -0.86 21.20
N ALA A 282 36.43 0.00 21.85
CA ALA A 282 37.01 1.07 22.67
C ALA A 282 37.90 0.47 23.81
N ALA A 283 37.32 -0.47 24.57
CA ALA A 283 38.05 -1.25 25.56
C ALA A 283 39.38 -1.87 25.07
N ALA A 284 39.38 -2.40 23.84
CA ALA A 284 40.60 -2.97 23.26
C ALA A 284 41.61 -1.86 23.07
N ALA A 285 41.18 -0.76 22.46
CA ALA A 285 42.09 0.37 22.28
C ALA A 285 42.74 0.80 23.58
N ALA A 286 41.93 1.02 24.61
CA ALA A 286 42.42 1.46 25.92
C ALA A 286 43.48 0.48 26.44
N ALA A 287 43.13 -0.80 26.38
CA ALA A 287 44.01 -1.89 26.78
C ALA A 287 45.35 -1.85 26.02
N LEU A 288 45.27 -1.72 24.70
CA LEU A 288 46.47 -1.55 23.92
C LEU A 288 47.24 -0.33 24.36
N GLU A 289 46.59 0.82 24.50
CA GLU A 289 47.36 1.98 24.91
C GLU A 289 48.14 1.69 26.20
N GLU A 290 47.47 1.16 27.22
CA GLU A 290 48.15 0.90 28.46
C GLU A 290 49.22 -0.18 28.39
N GLN A 291 49.00 -1.11 27.49
CA GLN A 291 49.96 -2.14 27.30
C GLN A 291 51.25 -1.54 26.68
N ALA A 292 51.12 -0.53 25.85
CA ALA A 292 52.30 0.17 25.40
C ALA A 292 52.91 0.99 26.56
N SER A 293 52.08 1.66 27.35
CA SER A 293 52.62 2.33 28.49
C SER A 293 53.48 1.42 29.34
N ARG A 294 53.06 0.20 29.57
CA ARG A 294 53.80 -0.67 30.47
C ARG A 294 55.15 -1.07 29.88
N LEU A 295 55.11 -1.45 28.60
CA LEU A 295 56.31 -1.80 27.86
C LEU A 295 57.32 -0.67 27.83
N THR A 296 56.83 0.56 27.68
CA THR A 296 57.71 1.71 27.73
C THR A 296 58.31 1.95 29.09
N GLU A 297 57.48 1.77 30.10
CA GLU A 297 57.92 1.91 31.45
C GLU A 297 58.90 0.79 31.73
N ALA A 298 58.69 -0.41 31.21
CA ALA A 298 59.59 -1.54 31.55
C ALA A 298 61.04 -1.29 31.19
N VAL A 299 61.29 -0.40 30.25
CA VAL A 299 62.65 -0.14 29.90
C VAL A 299 62.98 1.31 30.02
N ALA A 300 62.16 2.08 30.73
CA ALA A 300 62.37 3.56 30.69
C ALA A 300 63.55 4.08 31.54
N VAL A 301 63.91 3.37 32.60
CA VAL A 301 65.08 3.74 33.36
C VAL A 301 66.36 3.79 32.47
N PHE A 302 66.39 2.99 31.41
CA PHE A 302 67.55 2.94 30.54
C PHE A 302 67.81 4.26 29.75
N ARG A 303 68.95 4.88 29.99
CA ARG A 303 69.34 6.04 29.20
C ARG A 303 70.20 5.61 27.99
N ILE A 304 69.73 5.84 26.78
CA ILE A 304 70.45 5.32 25.61
C ILE A 304 71.22 6.43 24.88
N GLN A 305 72.28 6.03 24.17
CA GLN A 305 72.90 6.81 23.05
C GLN A 305 72.85 8.33 23.21
N SER B 2 98.02 -14.56 37.09
CA SER B 2 98.64 -15.91 36.88
C SER B 2 97.55 -17.03 36.90
N THR B 3 97.21 -17.51 38.12
CA THR B 3 96.16 -18.52 38.32
C THR B 3 94.80 -17.92 38.00
N ILE B 4 94.59 -16.70 38.47
CA ILE B 4 93.28 -16.04 38.42
C ILE B 4 92.93 -15.47 37.07
N THR B 5 93.52 -15.96 36.01
CA THR B 5 93.00 -15.59 34.71
C THR B 5 91.87 -16.56 34.26
N ARG B 6 91.70 -17.69 34.93
CA ARG B 6 90.69 -18.61 34.48
C ARG B 6 89.32 -18.00 34.80
N PRO B 7 89.12 -17.50 36.03
CA PRO B 7 87.86 -16.89 36.35
C PRO B 7 87.61 -15.66 35.54
N ILE B 8 88.67 -14.94 35.14
CA ILE B 8 88.42 -13.83 34.24
C ILE B 8 87.73 -14.31 32.98
N ILE B 9 88.34 -15.29 32.32
CA ILE B 9 87.80 -15.79 31.08
C ILE B 9 86.34 -16.34 31.29
N GLU B 10 86.17 -17.22 32.25
CA GLU B 10 84.85 -17.71 32.66
C GLU B 10 83.77 -16.64 32.82
N LEU B 11 84.12 -15.60 33.59
CA LEU B 11 83.19 -14.47 33.68
C LEU B 11 82.89 -13.84 32.34
N SER B 12 83.92 -13.68 31.52
CA SER B 12 83.71 -13.24 30.17
C SER B 12 82.64 -14.13 29.48
N ASN B 13 82.75 -15.45 29.62
CA ASN B 13 81.81 -16.31 28.97
C ASN B 13 80.39 -16.13 29.52
N THR B 14 80.26 -16.03 30.85
CA THR B 14 78.98 -15.79 31.52
C THR B 14 78.37 -14.51 30.96
N VAL B 15 79.16 -13.46 30.87
CA VAL B 15 78.68 -12.25 30.30
C VAL B 15 78.26 -12.47 28.87
N ASP B 16 78.90 -13.35 28.12
CA ASP B 16 78.44 -13.49 26.70
C ASP B 16 77.11 -14.22 26.62
N LYS B 17 76.86 -15.11 27.58
CA LYS B 17 75.54 -15.71 27.63
C LYS B 17 74.46 -14.64 27.90
N ILE B 18 74.62 -13.92 28.99
CA ILE B 18 73.68 -12.86 29.31
C ILE B 18 73.44 -11.92 28.13
N ALA B 19 74.48 -11.45 27.48
CA ALA B 19 74.31 -10.71 26.25
C ALA B 19 73.50 -11.43 25.18
N GLU B 20 73.65 -12.75 25.10
CA GLU B 20 72.96 -13.54 24.10
C GLU B 20 71.45 -13.73 24.38
N GLY B 21 70.99 -13.22 25.52
CA GLY B 21 69.60 -13.33 25.91
C GLY B 21 69.42 -14.53 26.78
N ASN B 22 70.50 -15.31 26.96
CA ASN B 22 70.50 -16.51 27.81
C ASN B 22 70.71 -16.17 29.27
N LEU B 23 69.67 -16.32 30.08
CA LEU B 23 69.75 -15.97 31.48
C LEU B 23 69.72 -17.10 32.49
N GLU B 24 69.63 -18.36 32.09
CA GLU B 24 69.19 -19.35 33.10
C GLU B 24 70.31 -19.86 33.98
N ALA B 25 71.51 -19.89 33.43
CA ALA B 25 72.77 -20.28 34.09
C ALA B 25 73.19 -19.35 35.22
N GLU B 26 73.45 -19.84 36.44
CA GLU B 26 74.07 -18.93 37.47
C GLU B 26 75.58 -18.58 37.19
N VAL B 27 76.00 -17.37 37.55
CA VAL B 27 77.36 -16.91 37.35
C VAL B 27 78.19 -17.66 38.36
N PRO B 28 79.44 -18.04 37.97
CA PRO B 28 80.34 -18.69 38.92
C PRO B 28 81.16 -17.66 39.70
N HIS B 29 81.79 -18.09 40.78
CA HIS B 29 82.81 -17.31 41.50
C HIS B 29 82.18 -16.28 42.44
N GLN B 30 80.90 -16.41 42.70
CA GLN B 30 80.34 -15.48 43.63
C GLN B 30 80.96 -15.71 45.03
N ASN B 31 81.47 -16.91 45.29
CA ASN B 31 81.99 -17.23 46.62
C ASN B 31 83.37 -16.68 47.01
N ARG B 32 84.03 -16.03 46.09
CA ARG B 32 85.34 -15.54 46.35
C ARG B 32 85.33 -14.27 47.22
N ALA B 33 86.31 -14.13 48.09
CA ALA B 33 86.48 -12.87 48.80
C ALA B 33 87.12 -11.79 47.94
N ASP B 34 87.88 -12.22 46.91
CA ASP B 34 88.80 -11.33 46.13
C ASP B 34 87.99 -10.44 45.25
N GLU B 35 88.61 -9.81 44.26
CA GLU B 35 87.87 -8.84 43.47
C GLU B 35 87.00 -9.54 42.47
N ILE B 36 87.34 -10.77 42.20
CA ILE B 36 86.57 -11.47 41.23
C ILE B 36 85.17 -11.60 41.82
N GLY B 37 85.11 -12.15 43.06
CA GLY B 37 83.89 -12.42 43.79
C GLY B 37 82.96 -11.24 43.68
N ILE B 38 83.47 -10.05 43.98
CA ILE B 38 82.70 -8.83 43.88
C ILE B 38 82.07 -8.63 42.51
N LEU B 39 82.81 -8.99 41.45
CA LEU B 39 82.34 -8.83 40.10
C LEU B 39 81.34 -9.95 39.81
N ALA B 40 81.60 -11.18 40.25
CA ALA B 40 80.66 -12.24 39.96
C ALA B 40 79.29 -11.84 40.58
N LYS B 41 79.36 -11.29 41.77
CA LYS B 41 78.16 -10.87 42.45
C LYS B 41 77.53 -9.84 41.53
N SER B 42 78.35 -9.08 40.81
CA SER B 42 77.79 -8.01 40.03
C SER B 42 77.01 -8.48 38.83
N ILE B 43 77.52 -9.59 38.30
CA ILE B 43 76.92 -10.20 37.13
C ILE B 43 75.66 -10.84 37.61
N GLU B 44 75.72 -11.48 38.77
CA GLU B 44 74.50 -12.11 39.35
C GLU B 44 73.36 -11.13 39.54
N ARG B 45 73.63 -10.00 40.17
CA ARG B 45 72.59 -8.94 40.29
C ARG B 45 71.97 -8.54 38.98
N LEU B 46 72.76 -8.55 37.89
CA LEU B 46 72.30 -8.10 36.62
C LEU B 46 71.45 -9.19 36.03
N ARG B 47 71.95 -10.43 36.13
CA ARG B 47 71.23 -11.60 35.63
C ARG B 47 69.82 -11.51 36.19
N ARG B 48 69.70 -11.32 37.51
CA ARG B 48 68.40 -11.50 38.07
C ARG B 48 67.51 -10.27 37.73
N SER B 49 68.04 -9.05 37.80
CA SER B 49 67.31 -7.94 37.23
C SER B 49 66.82 -8.28 35.79
N LEU B 50 67.71 -8.78 34.93
CA LEU B 50 67.29 -8.98 33.56
C LEU B 50 66.14 -9.98 33.43
N MET B 51 66.11 -10.98 34.32
CA MET B 51 65.09 -12.01 34.19
C MET B 51 63.73 -11.34 34.33
N ARG B 52 63.73 -10.30 35.16
CA ARG B 52 62.51 -9.71 35.60
C ARG B 52 62.08 -8.85 34.45
N THR B 53 62.94 -7.97 34.01
CA THR B 53 62.64 -7.16 32.82
C THR B 53 62.18 -8.00 31.61
N VAL B 54 62.95 -9.05 31.31
CA VAL B 54 62.51 -9.96 30.28
C VAL B 54 61.06 -10.42 30.49
N GLY B 55 60.68 -10.80 31.70
CA GLY B 55 59.41 -11.39 31.94
C GLY B 55 58.23 -10.46 31.75
N ASP B 56 58.35 -9.19 32.18
CA ASP B 56 57.29 -8.24 31.91
C ASP B 56 57.16 -8.21 30.41
N VAL B 57 58.27 -8.15 29.68
CA VAL B 57 58.15 -7.97 28.23
C VAL B 57 57.48 -9.21 27.55
N ARG B 58 57.94 -10.43 27.90
CA ARG B 58 57.28 -11.65 27.50
C ARG B 58 55.76 -11.57 27.84
N ASN B 59 55.43 -11.17 29.06
CA ASN B 59 54.05 -10.93 29.34
C ASN B 59 53.42 -9.87 28.47
N GLY B 60 54.14 -8.80 28.19
CA GLY B 60 53.63 -7.77 27.31
C GLY B 60 53.24 -8.39 25.97
N ALA B 61 54.11 -9.19 25.36
CA ALA B 61 53.86 -9.57 23.99
C ALA B 61 52.66 -10.50 23.95
N ASN B 62 52.56 -11.42 24.91
CA ASN B 62 51.46 -12.40 24.99
C ASN B 62 50.09 -11.75 25.08
N ALA B 63 50.05 -10.68 25.87
CA ALA B 63 48.89 -9.83 25.88
C ALA B 63 48.63 -9.20 24.48
N ILE B 64 49.63 -8.64 23.82
CA ILE B 64 49.40 -8.21 22.44
C ILE B 64 48.89 -9.33 21.51
N TYR B 65 49.59 -10.48 21.47
CA TYR B 65 49.16 -11.65 20.70
C TYR B 65 47.68 -11.92 20.98
N SER B 66 47.28 -11.82 22.25
CA SER B 66 45.91 -12.12 22.60
C SER B 66 45.01 -11.09 22.00
N GLY B 67 45.25 -9.86 22.43
CA GLY B 67 44.50 -8.69 22.00
C GLY B 67 44.30 -8.75 20.51
N ALA B 68 45.35 -9.12 19.80
CA ALA B 68 45.25 -9.11 18.41
C ALA B 68 44.29 -10.17 17.93
N SER B 69 44.31 -11.37 18.51
CA SER B 69 43.53 -12.40 17.86
C SER B 69 42.09 -12.23 18.32
N GLU B 70 41.93 -11.39 19.32
CA GLU B 70 40.61 -11.09 19.73
C GLU B 70 39.98 -10.08 18.79
N ILE B 71 40.69 -8.99 18.60
CA ILE B 71 40.28 -8.05 17.62
C ILE B 71 39.93 -8.77 16.32
N ALA B 72 40.79 -9.71 15.92
CA ALA B 72 40.61 -10.52 14.74
C ALA B 72 39.23 -11.22 14.68
N THR B 73 38.84 -11.94 15.73
CA THR B 73 37.59 -12.71 15.70
C THR B 73 36.44 -11.73 15.77
N GLY B 74 36.61 -10.73 16.61
CA GLY B 74 35.72 -9.61 16.65
C GLY B 74 35.52 -9.11 15.25
N ASN B 75 36.52 -9.24 14.40
CA ASN B 75 36.37 -8.66 13.08
C ASN B 75 35.74 -9.61 12.03
N ASN B 76 35.97 -10.90 12.21
CA ASN B 76 35.29 -11.94 11.43
C ASN B 76 33.77 -12.02 11.58
N ASP B 77 33.29 -11.78 12.81
CA ASP B 77 31.87 -11.70 13.09
C ASP B 77 31.39 -10.49 12.34
N LEU B 78 32.03 -9.34 12.55
CA LEU B 78 31.61 -8.14 11.86
C LEU B 78 31.49 -8.35 10.33
N SER B 79 32.52 -8.94 9.73
CA SER B 79 32.47 -9.23 8.31
C SER B 79 31.17 -9.96 7.95
N SER B 80 30.88 -11.07 8.64
CA SER B 80 29.72 -11.89 8.27
C SER B 80 28.38 -11.20 8.60
N ARG B 81 28.42 -10.23 9.48
CA ARG B 81 27.24 -9.49 9.74
C ARG B 81 27.16 -8.44 8.66
N THR B 82 28.28 -8.08 8.08
CA THR B 82 28.21 -7.07 7.02
C THR B 82 27.76 -7.63 5.68
N GLU B 83 27.98 -8.91 5.42
CA GLU B 83 27.36 -9.47 4.24
C GLU B 83 25.86 -9.75 4.55
N GLN B 84 25.59 -10.30 5.73
CA GLN B 84 24.23 -10.53 6.19
C GLN B 84 23.37 -9.27 6.11
N GLN B 85 23.95 -8.13 6.47
CA GLN B 85 23.29 -6.83 6.29
C GLN B 85 23.12 -6.49 4.81
N ALA B 86 24.17 -6.59 4.01
CA ALA B 86 24.02 -6.37 2.56
C ALA B 86 22.86 -7.19 2.00
N ALA B 87 22.92 -8.51 2.16
CA ALA B 87 21.88 -9.40 1.65
C ALA B 87 20.45 -9.02 2.12
N SER B 88 20.31 -8.58 3.37
CA SER B 88 19.00 -8.14 3.88
C SER B 88 18.52 -6.93 3.12
N LEU B 89 19.38 -5.91 3.04
CA LEU B 89 19.11 -4.72 2.25
C LEU B 89 18.78 -5.02 0.76
N GLU B 90 19.16 -6.19 0.28
CA GLU B 90 18.77 -6.68 -1.02
C GLU B 90 17.27 -6.92 -1.04
N GLU B 91 16.84 -7.97 -0.33
CA GLU B 91 15.43 -8.29 -0.18
C GLU B 91 14.57 -7.07 0.05
N THR B 92 15.01 -6.19 0.94
CA THR B 92 14.25 -4.98 1.18
C THR B 92 14.09 -4.16 -0.11
N ALA B 93 15.18 -3.77 -0.76
CA ALA B 93 15.04 -3.02 -2.02
C ALA B 93 14.09 -3.70 -3.03
N ALA B 94 14.25 -5.02 -3.18
CA ALA B 94 13.39 -5.88 -4.01
C ALA B 94 11.91 -5.77 -3.60
N SER B 95 11.65 -5.85 -2.31
CA SER B 95 10.30 -5.73 -1.81
C SER B 95 9.68 -4.39 -2.01
N MET B 96 10.48 -3.33 -1.98
CA MET B 96 9.94 -2.01 -2.26
C MET B 96 9.65 -1.92 -3.73
N GLU B 97 10.45 -2.58 -4.56
CA GLU B 97 10.14 -2.60 -5.97
C GLU B 97 8.74 -3.16 -6.17
N GLN B 98 8.55 -4.41 -5.79
CA GLN B 98 7.32 -5.10 -6.09
C GLN B 98 6.12 -4.49 -5.36
N LEU B 99 6.42 -3.59 -4.44
CA LEU B 99 5.39 -2.93 -3.63
C LEU B 99 5.20 -1.53 -4.12
N THR B 100 6.05 -1.10 -5.02
CA THR B 100 5.83 0.18 -5.61
C THR B 100 4.98 -0.04 -6.88
N ALA B 101 5.03 -1.28 -7.38
CA ALA B 101 4.23 -1.73 -8.50
C ALA B 101 2.75 -1.73 -8.08
N THR B 102 2.47 -2.44 -7.00
CA THR B 102 1.11 -2.63 -6.56
C THR B 102 0.49 -1.35 -5.99
N VAL B 103 1.28 -0.43 -5.44
CA VAL B 103 0.67 0.83 -5.03
C VAL B 103 0.12 1.62 -6.21
N LYS B 104 0.92 1.75 -7.27
CA LYS B 104 0.46 2.25 -8.58
C LYS B 104 -0.78 1.50 -9.13
N GLN B 105 -0.76 0.16 -9.16
CA GLN B 105 -1.90 -0.64 -9.60
C GLN B 105 -3.20 -0.27 -8.87
N ASN B 106 -3.11 -0.10 -7.56
CA ASN B 106 -4.19 0.45 -6.75
C ASN B 106 -4.68 1.84 -7.10
N ALA B 107 -3.80 2.83 -7.23
CA ALA B 107 -4.22 4.20 -7.59
C ALA B 107 -4.93 4.21 -8.95
N GLU B 108 -4.50 3.29 -9.83
CA GLU B 108 -5.18 3.07 -11.10
C GLU B 108 -6.57 2.48 -10.89
N ASN B 109 -6.67 1.30 -10.30
CA ASN B 109 -7.98 0.70 -10.05
C ASN B 109 -8.96 1.53 -9.24
N ALA B 110 -8.45 2.38 -8.35
CA ALA B 110 -9.28 3.36 -7.65
C ALA B 110 -9.80 4.39 -8.63
N ARG B 111 -8.90 5.12 -9.26
CA ARG B 111 -9.27 6.00 -10.37
C ARG B 111 -10.36 5.40 -11.30
N GLN B 112 -10.20 4.13 -11.69
CA GLN B 112 -11.05 3.43 -12.68
C GLN B 112 -12.38 3.06 -12.11
N ALA B 113 -12.38 2.65 -10.86
CA ALA B 113 -13.62 2.45 -10.15
C ALA B 113 -14.36 3.79 -10.00
N SER B 114 -13.65 4.80 -9.49
CA SER B 114 -14.25 6.11 -9.26
C SER B 114 -15.04 6.55 -10.49
N HIS B 115 -14.43 6.52 -11.68
CA HIS B 115 -15.16 6.82 -12.92
C HIS B 115 -16.40 5.94 -13.14
N LEU B 116 -16.23 4.63 -13.21
CA LEU B 116 -17.37 3.75 -13.28
C LEU B 116 -18.51 4.16 -12.30
N ALA B 117 -18.18 4.44 -11.04
CA ALA B 117 -19.22 4.82 -10.10
C ALA B 117 -19.92 6.12 -10.44
N LEU B 118 -19.09 7.09 -10.76
CA LEU B 118 -19.60 8.39 -11.11
C LEU B 118 -20.46 8.24 -12.39
N SER B 119 -20.05 7.34 -13.30
CA SER B 119 -20.78 7.09 -14.54
C SER B 119 -22.19 6.57 -14.28
N ALA B 120 -22.29 5.64 -13.35
CA ALA B 120 -23.57 5.12 -12.95
C ALA B 120 -24.33 6.23 -12.21
N SER B 121 -23.63 6.97 -11.37
CA SER B 121 -24.30 8.09 -10.76
C SER B 121 -25.00 9.01 -11.79
N GLU B 122 -24.28 9.43 -12.84
CA GLU B 122 -24.87 10.32 -13.87
C GLU B 122 -26.11 9.65 -14.53
N THR B 123 -25.94 8.41 -14.98
CA THR B 123 -26.99 7.55 -15.48
C THR B 123 -28.23 7.47 -14.60
N ALA B 124 -28.09 6.98 -13.36
CA ALA B 124 -29.23 6.84 -12.46
C ALA B 124 -29.81 8.20 -12.14
N GLN B 125 -29.09 9.27 -12.43
CA GLN B 125 -29.72 10.55 -12.22
C GLN B 125 -30.55 11.02 -13.42
N ARG B 126 -30.03 10.85 -14.62
CA ARG B 126 -30.78 11.10 -15.82
C ARG B 126 -32.02 10.20 -15.75
N GLY B 127 -31.79 8.93 -15.47
CA GLY B 127 -32.83 7.99 -15.13
C GLY B 127 -33.94 8.57 -14.29
N GLY B 128 -33.63 9.16 -13.14
CA GLY B 128 -34.68 9.76 -12.29
C GLY B 128 -35.49 10.88 -12.95
N LYS B 129 -34.83 11.63 -13.84
CA LYS B 129 -35.49 12.68 -14.58
C LYS B 129 -36.47 12.03 -15.62
N VAL B 130 -36.07 10.89 -16.13
CA VAL B 130 -36.85 10.17 -17.10
C VAL B 130 -38.07 9.57 -16.43
N VAL B 131 -37.86 8.87 -15.31
CA VAL B 131 -38.98 8.43 -14.50
C VAL B 131 -39.90 9.57 -14.17
N ASP B 132 -39.37 10.72 -13.79
CA ASP B 132 -40.29 11.85 -13.66
C ASP B 132 -41.13 12.15 -14.89
N ASN B 133 -40.54 12.14 -16.08
CA ASN B 133 -41.31 12.45 -17.24
C ASN B 133 -42.45 11.45 -17.52
N VAL B 134 -42.16 10.16 -17.36
CA VAL B 134 -43.19 9.17 -17.35
C VAL B 134 -44.30 9.48 -16.34
N VAL B 135 -43.99 9.61 -15.06
CA VAL B 135 -45.09 9.89 -14.15
C VAL B 135 -45.92 11.06 -14.68
N GLN B 136 -45.33 12.00 -15.40
CA GLN B 136 -46.16 13.12 -15.89
C GLN B 136 -47.06 12.71 -17.06
N THR B 137 -46.50 11.92 -17.97
CA THR B 137 -47.19 11.54 -19.17
C THR B 137 -48.36 10.69 -18.76
N MET B 138 -48.15 9.87 -17.72
CA MET B 138 -49.21 9.05 -17.21
C MET B 138 -50.33 9.89 -16.67
N ARG B 139 -49.97 10.95 -15.99
CA ARG B 139 -51.04 11.85 -15.55
C ARG B 139 -51.82 12.47 -16.71
N ASP B 140 -51.15 12.70 -17.84
CA ASP B 140 -51.81 13.21 -19.02
C ASP B 140 -52.83 12.24 -19.57
N ILE B 141 -52.38 11.03 -19.67
CA ILE B 141 -53.05 9.99 -20.35
C ILE B 141 -54.23 9.76 -19.54
N SER B 142 -54.03 9.78 -18.24
CA SER B 142 -55.14 9.56 -17.39
C SER B 142 -56.15 10.72 -17.34
N THR B 143 -55.70 11.98 -17.31
CA THR B 143 -56.69 13.06 -17.37
C THR B 143 -57.59 12.99 -18.57
N SER B 144 -57.06 12.49 -19.68
CA SER B 144 -57.73 12.50 -20.92
C SER B 144 -58.79 11.44 -20.94
N SER B 145 -58.40 10.24 -20.53
CA SER B 145 -59.33 9.15 -20.39
C SER B 145 -60.50 9.58 -19.51
N GLN B 146 -60.20 10.32 -18.45
CA GLN B 146 -61.25 10.74 -17.60
C GLN B 146 -62.14 11.65 -18.43
N LYS B 147 -61.57 12.42 -19.36
CA LYS B 147 -62.45 13.36 -20.06
C LYS B 147 -63.36 12.57 -21.04
N ILE B 148 -62.74 11.62 -21.72
CA ILE B 148 -63.41 10.80 -22.66
C ILE B 148 -64.56 10.06 -21.99
N ALA B 149 -64.31 9.47 -20.83
CA ALA B 149 -65.41 8.93 -20.05
C ALA B 149 -66.61 9.87 -19.91
N ASP B 150 -66.39 11.08 -19.44
CA ASP B 150 -67.48 12.05 -19.30
C ASP B 150 -68.28 12.30 -20.60
N ILE B 151 -67.62 12.14 -21.77
CA ILE B 151 -68.27 12.51 -23.00
C ILE B 151 -68.95 11.28 -23.49
N ILE B 152 -68.22 10.17 -23.38
CA ILE B 152 -68.80 8.88 -23.77
C ILE B 152 -70.18 8.73 -23.16
N SER B 153 -70.34 9.24 -21.94
CA SER B 153 -71.56 9.16 -21.21
C SER B 153 -72.68 9.96 -21.90
N VAL B 154 -72.41 11.17 -22.34
CA VAL B 154 -73.33 11.88 -23.23
C VAL B 154 -73.73 11.07 -24.49
N ILE B 155 -72.80 10.36 -25.05
CA ILE B 155 -73.17 9.63 -26.26
C ILE B 155 -74.11 8.49 -25.88
N ASP B 156 -73.90 7.99 -24.67
CA ASP B 156 -74.81 6.96 -24.15
C ASP B 156 -76.21 7.58 -23.98
N GLY B 157 -76.23 8.77 -23.40
CA GLY B 157 -77.47 9.49 -23.12
C GLY B 157 -78.28 9.64 -24.38
N ILE B 158 -77.61 10.06 -25.46
CA ILE B 158 -78.24 10.35 -26.69
C ILE B 158 -78.79 9.06 -27.30
N ALA B 159 -77.92 8.06 -27.45
CA ALA B 159 -78.39 6.67 -27.81
C ALA B 159 -79.65 6.33 -27.11
N PHE B 160 -79.66 6.42 -25.78
CA PHE B 160 -80.86 6.08 -24.98
C PHE B 160 -82.12 6.81 -25.45
N GLN B 161 -82.10 8.14 -25.32
CA GLN B 161 -83.07 8.99 -25.96
C GLN B 161 -83.43 8.60 -27.41
N THR B 162 -82.47 8.37 -28.27
CA THR B 162 -82.87 8.01 -29.64
C THR B 162 -83.63 6.65 -29.74
N ASN B 163 -83.17 5.65 -28.96
CA ASN B 163 -83.91 4.42 -28.82
C ASN B 163 -85.37 4.68 -28.50
N ILE B 164 -85.66 5.44 -27.44
CA ILE B 164 -87.03 5.56 -27.03
C ILE B 164 -87.80 6.34 -28.08
N LEU B 165 -87.22 7.45 -28.51
CA LEU B 165 -87.84 8.25 -29.53
C LEU B 165 -88.28 7.33 -30.67
N ALA B 166 -87.37 6.52 -31.20
CA ALA B 166 -87.73 5.69 -32.36
C ALA B 166 -88.69 4.53 -32.06
N LEU B 167 -88.62 4.03 -30.84
CA LEU B 167 -89.48 2.92 -30.51
C LEU B 167 -90.95 3.44 -30.43
N ASN B 168 -91.17 4.55 -29.71
CA ASN B 168 -92.43 5.22 -29.79
C ASN B 168 -92.92 5.62 -31.13
N ALA B 169 -92.01 5.99 -32.04
CA ALA B 169 -92.47 6.41 -33.33
C ALA B 169 -92.82 5.22 -34.12
N ALA B 170 -91.98 4.21 -34.10
CA ALA B 170 -92.42 2.95 -34.72
C ALA B 170 -93.79 2.51 -34.17
N VAL B 171 -93.97 2.50 -32.85
CA VAL B 171 -95.14 1.91 -32.34
C VAL B 171 -96.33 2.68 -32.93
N GLU B 172 -96.36 3.98 -32.70
CA GLU B 172 -97.41 4.85 -33.24
C GLU B 172 -97.49 4.86 -34.75
N ALA B 173 -96.50 4.40 -35.49
CA ALA B 173 -96.75 4.35 -36.93
C ALA B 173 -97.39 3.04 -37.41
N ALA B 174 -96.86 1.89 -36.98
CA ALA B 174 -97.47 0.63 -37.31
C ALA B 174 -98.93 0.56 -36.78
N ARG B 175 -99.25 1.34 -35.77
CA ARG B 175 -100.58 1.46 -35.28
C ARG B 175 -101.46 2.01 -36.42
N ALA B 176 -100.93 2.94 -37.19
CA ALA B 176 -101.72 3.48 -38.31
C ALA B 176 -102.08 2.50 -39.44
N GLY B 177 -101.57 1.26 -39.39
CA GLY B 177 -101.81 0.30 -40.48
C GLY B 177 -100.68 0.29 -41.51
N GLU B 178 -101.00 0.17 -42.78
CA GLU B 178 -99.95 0.15 -43.80
C GLU B 178 -99.62 1.58 -44.21
N GLN B 179 -100.39 2.55 -43.73
CA GLN B 179 -100.19 3.94 -44.12
C GLN B 179 -98.93 4.44 -43.44
N GLY B 180 -98.57 3.82 -42.34
CA GLY B 180 -97.37 4.20 -41.63
C GLY B 180 -96.37 3.07 -41.52
N ARG B 181 -96.41 2.13 -42.45
CA ARG B 181 -95.41 1.07 -42.45
C ARG B 181 -94.08 1.70 -42.80
N GLY B 182 -94.14 2.65 -43.74
CA GLY B 182 -92.97 3.30 -44.29
C GLY B 182 -92.17 3.92 -43.16
N PHE B 183 -92.83 4.75 -42.37
CA PHE B 183 -92.15 5.36 -41.23
C PHE B 183 -91.69 4.29 -40.25
N ALA B 184 -92.56 3.32 -39.98
CA ALA B 184 -92.22 2.32 -39.00
C ALA B 184 -90.87 1.62 -39.28
N VAL B 185 -90.53 1.45 -40.57
CA VAL B 185 -89.28 0.80 -40.89
C VAL B 185 -88.11 1.75 -40.67
N VAL B 186 -88.25 3.00 -41.09
CA VAL B 186 -87.21 4.01 -40.88
C VAL B 186 -86.96 4.16 -39.38
N ALA B 187 -88.01 4.44 -38.59
CA ALA B 187 -87.84 4.49 -37.14
C ALA B 187 -87.13 3.29 -36.69
N GLY B 188 -87.46 2.12 -37.24
CA GLY B 188 -86.85 0.87 -36.78
C GLY B 188 -85.33 0.84 -36.95
N GLU B 189 -84.83 1.33 -38.10
CA GLU B 189 -83.40 1.37 -38.43
C GLU B 189 -82.66 2.40 -37.56
N VAL B 190 -83.28 3.53 -37.31
CA VAL B 190 -82.82 4.37 -36.21
C VAL B 190 -82.75 3.62 -34.82
N ARG B 191 -83.70 2.78 -34.52
CA ARG B 191 -83.59 2.14 -33.22
C ARG B 191 -82.37 1.22 -33.22
N ASN B 192 -82.12 0.62 -34.38
CA ASN B 192 -81.03 -0.30 -34.41
C ASN B 192 -79.64 0.45 -34.34
N LEU B 193 -79.56 1.53 -35.12
CA LEU B 193 -78.46 2.38 -35.08
C LEU B 193 -78.18 2.94 -33.66
N ALA B 194 -79.16 3.55 -33.03
CA ALA B 194 -79.05 3.78 -31.58
C ALA B 194 -78.58 2.55 -30.76
N GLN B 195 -79.06 1.33 -31.00
CA GLN B 195 -78.58 0.22 -30.18
C GLN B 195 -77.09 -0.07 -30.32
N ARG B 196 -76.59 0.12 -31.56
CA ARG B 196 -75.26 -0.17 -31.96
C ARG B 196 -74.43 0.86 -31.17
N SER B 197 -74.85 2.10 -31.31
CA SER B 197 -74.15 3.20 -30.78
C SER B 197 -74.06 3.11 -29.26
N ALA B 198 -75.14 2.83 -28.61
CA ALA B 198 -75.05 2.48 -27.18
C ALA B 198 -74.06 1.30 -26.86
N GLN B 199 -74.08 0.25 -27.65
CA GLN B 199 -73.20 -0.84 -27.38
C GLN B 199 -71.72 -0.43 -27.63
N ALA B 200 -71.47 0.44 -28.64
CA ALA B 200 -70.14 0.87 -28.95
C ALA B 200 -69.60 1.70 -27.76
N ALA B 201 -70.48 2.54 -27.26
CA ALA B 201 -70.13 3.42 -26.17
C ALA B 201 -69.90 2.61 -24.87
N ARG B 202 -70.57 1.48 -24.71
CA ARG B 202 -70.19 0.67 -23.49
C ARG B 202 -68.80 0.04 -23.56
N GLU B 203 -68.43 -0.31 -24.78
CA GLU B 203 -67.17 -0.95 -25.06
C GLU B 203 -66.08 0.07 -24.82
N ILE B 204 -66.28 1.33 -25.29
CA ILE B 204 -65.35 2.38 -25.06
C ILE B 204 -65.28 2.62 -23.55
N LYS B 205 -66.45 2.71 -22.88
CA LYS B 205 -66.46 2.95 -21.40
C LYS B 205 -65.65 1.88 -20.69
N SER B 206 -65.85 0.65 -21.05
CA SER B 206 -65.07 -0.32 -20.28
C SER B 206 -63.57 -0.34 -20.65
N LEU B 207 -63.24 0.08 -21.88
CA LEU B 207 -61.86 0.25 -22.27
C LEU B 207 -61.23 1.46 -21.59
N ILE B 208 -62.04 2.49 -21.37
CA ILE B 208 -61.49 3.60 -20.62
C ILE B 208 -61.14 3.20 -19.21
N GLU B 209 -62.11 2.54 -18.54
CA GLU B 209 -61.85 1.86 -17.23
C GLU B 209 -60.54 1.11 -17.25
N ASP B 210 -60.31 0.26 -18.27
CA ASP B 210 -59.09 -0.49 -18.34
C ASP B 210 -57.91 0.43 -18.35
N SER B 211 -57.93 1.48 -19.16
CA SER B 211 -56.77 2.38 -19.23
C SER B 211 -56.39 3.07 -17.92
N VAL B 212 -57.32 3.83 -17.40
CA VAL B 212 -57.17 4.42 -16.09
C VAL B 212 -56.62 3.46 -15.01
N GLY B 213 -57.22 2.28 -14.87
CA GLY B 213 -56.69 1.29 -13.95
C GLY B 213 -55.22 0.93 -14.17
N LYS B 214 -54.85 0.73 -15.43
CA LYS B 214 -53.51 0.41 -15.77
C LYS B 214 -52.58 1.59 -15.55
N VAL B 215 -53.04 2.79 -15.86
CA VAL B 215 -52.29 3.97 -15.49
C VAL B 215 -52.00 4.03 -14.00
N ASP B 216 -53.01 4.13 -13.13
CA ASP B 216 -52.72 4.03 -11.64
C ASP B 216 -51.72 2.94 -11.30
N VAL B 217 -51.95 1.73 -11.76
CA VAL B 217 -51.01 0.70 -11.43
C VAL B 217 -49.63 1.14 -11.91
N GLY B 218 -49.51 1.44 -13.23
CA GLY B 218 -48.18 1.65 -13.80
C GLY B 218 -47.45 2.77 -13.10
N SER B 219 -48.22 3.81 -12.81
CA SER B 219 -47.76 4.99 -12.14
C SER B 219 -47.14 4.57 -10.80
N THR B 220 -47.83 3.74 -10.02
CA THR B 220 -47.23 3.26 -8.77
C THR B 220 -45.93 2.47 -8.99
N LEU B 221 -45.83 1.81 -10.12
CA LEU B 221 -44.65 1.01 -10.36
C LEU B 221 -43.50 1.89 -10.77
N VAL B 222 -43.72 2.91 -11.60
CA VAL B 222 -42.57 3.77 -11.95
C VAL B 222 -42.09 4.61 -10.79
N GLU B 223 -42.99 4.87 -9.83
CA GLU B 223 -42.61 5.55 -8.60
C GLU B 223 -41.51 4.79 -7.95
N SER B 224 -41.69 3.48 -7.86
CA SER B 224 -40.76 2.71 -7.09
C SER B 224 -39.47 2.58 -7.88
N ALA B 225 -39.58 2.35 -9.18
CA ALA B 225 -38.41 2.49 -10.05
C ALA B 225 -37.70 3.84 -9.79
N GLY B 226 -38.41 4.97 -9.84
CA GLY B 226 -37.84 6.20 -9.34
C GLY B 226 -37.01 6.04 -8.05
N GLU B 227 -37.59 5.44 -7.01
CA GLU B 227 -36.90 5.36 -5.74
C GLU B 227 -35.70 4.36 -5.76
N THR B 228 -35.75 3.35 -6.63
CA THR B 228 -34.58 2.50 -6.78
C THR B 228 -33.41 3.22 -7.44
N MET B 229 -33.66 4.22 -8.25
CA MET B 229 -32.53 4.96 -8.77
C MET B 229 -31.96 5.92 -7.74
N ALA B 230 -32.82 6.55 -6.97
CA ALA B 230 -32.39 7.24 -5.78
C ALA B 230 -31.41 6.35 -4.97
N GLU B 231 -31.85 5.13 -4.65
CA GLU B 231 -31.09 4.24 -3.78
C GLU B 231 -29.73 3.92 -4.36
N ILE B 232 -29.71 3.72 -5.66
CA ILE B 232 -28.49 3.49 -6.38
C ILE B 232 -27.59 4.69 -6.25
N VAL B 233 -28.08 5.90 -6.54
CA VAL B 233 -27.22 7.09 -6.44
C VAL B 233 -26.54 7.09 -5.08
N SER B 234 -27.31 7.07 -3.99
CA SER B 234 -26.66 7.19 -2.71
C SER B 234 -25.70 6.00 -2.43
N ALA B 235 -26.01 4.81 -2.98
CA ALA B 235 -25.01 3.77 -2.99
C ALA B 235 -23.76 4.19 -3.82
N VAL B 236 -23.84 4.30 -5.15
CA VAL B 236 -22.62 4.63 -5.90
C VAL B 236 -21.89 5.87 -5.38
N THR B 237 -22.61 6.85 -4.83
CA THR B 237 -21.94 8.04 -4.26
C THR B 237 -21.01 7.64 -3.12
N ARG B 238 -21.54 6.87 -2.17
CA ARG B 238 -20.77 6.27 -1.11
C ARG B 238 -19.49 5.61 -1.69
N VAL B 239 -19.63 4.80 -2.74
CA VAL B 239 -18.49 4.21 -3.43
C VAL B 239 -17.53 5.28 -3.96
N THR B 240 -18.03 6.40 -4.50
CA THR B 240 -17.10 7.45 -4.95
C THR B 240 -16.23 8.01 -3.82
N ASP B 241 -16.86 8.36 -2.69
CA ASP B 241 -16.18 8.71 -1.44
C ASP B 241 -15.09 7.69 -1.07
N ILE B 242 -15.47 6.43 -1.04
CA ILE B 242 -14.53 5.38 -0.72
C ILE B 242 -13.30 5.38 -1.63
N MET B 243 -13.48 5.49 -2.95
CA MET B 243 -12.29 5.59 -3.82
C MET B 243 -11.37 6.76 -3.41
N GLY B 244 -11.95 7.88 -2.99
CA GLY B 244 -11.19 9.03 -2.52
C GLY B 244 -10.26 8.59 -1.42
N GLU B 245 -10.80 7.87 -0.45
CA GLU B 245 -9.99 7.31 0.64
C GLU B 245 -8.81 6.38 0.23
N ILE B 246 -8.93 5.73 -0.92
CA ILE B 246 -7.87 4.85 -1.39
C ILE B 246 -6.81 5.64 -2.16
N ALA B 247 -7.22 6.55 -3.03
CA ALA B 247 -6.29 7.49 -3.61
C ALA B 247 -5.40 8.10 -2.52
N SER B 248 -5.96 8.29 -1.32
CA SER B 248 -5.20 8.78 -0.16
C SER B 248 -4.16 7.79 0.36
N ALA B 249 -4.64 6.70 0.95
CA ALA B 249 -3.78 5.58 1.33
C ALA B 249 -2.59 5.43 0.38
N SER B 250 -2.89 5.13 -0.89
CA SER B 250 -1.90 4.94 -1.99
C SER B 250 -0.95 6.10 -2.27
N ASP B 251 -1.29 7.27 -1.75
CA ASP B 251 -0.48 8.46 -1.88
C ASP B 251 0.49 8.60 -0.70
N GLU B 252 -0.04 8.47 0.51
CA GLU B 252 0.75 8.38 1.70
C GLU B 252 1.60 7.10 1.71
N GLN B 253 1.13 6.05 1.05
CA GLN B 253 1.93 4.84 0.87
C GLN B 253 3.14 5.10 0.00
N SER B 254 2.94 5.79 -1.11
CA SER B 254 4.05 5.99 -2.00
C SER B 254 5.05 6.96 -1.37
N ARG B 255 4.59 7.83 -0.48
CA ARG B 255 5.51 8.60 0.33
C ARG B 255 6.25 7.71 1.35
N GLY B 256 5.59 6.65 1.81
CA GLY B 256 6.22 5.66 2.69
C GLY B 256 7.36 4.95 1.96
N ILE B 257 7.11 4.56 0.72
CA ILE B 257 8.14 3.94 -0.11
C ILE B 257 9.32 4.87 -0.35
N ASP B 258 9.06 6.16 -0.31
CA ASP B 258 10.11 7.07 -0.61
C ASP B 258 10.98 7.34 0.60
N GLN B 259 10.39 7.39 1.79
CA GLN B 259 11.21 7.46 3.01
C GLN B 259 12.09 6.23 3.09
N VAL B 260 11.49 5.07 2.89
CA VAL B 260 12.22 3.85 3.02
C VAL B 260 13.32 3.74 1.98
N GLY B 261 12.99 4.04 0.71
CA GLY B 261 13.98 4.14 -0.38
C GLY B 261 15.26 4.89 0.01
N LEU B 262 15.10 6.14 0.48
CA LEU B 262 16.19 6.99 0.99
C LEU B 262 16.93 6.33 2.16
N ALA B 263 16.19 5.94 3.18
CA ALA B 263 16.84 5.28 4.31
C ALA B 263 17.52 3.98 3.92
N VAL B 264 17.01 3.27 2.92
CA VAL B 264 17.72 2.07 2.48
C VAL B 264 19.05 2.44 1.81
N ALA B 265 19.15 3.66 1.27
CA ALA B 265 20.35 4.13 0.58
C ALA B 265 21.37 4.55 1.64
N GLU B 266 20.88 5.27 2.63
CA GLU B 266 21.72 5.68 3.74
C GLU B 266 22.47 4.49 4.34
N MET B 267 21.76 3.37 4.43
CA MET B 267 22.25 2.14 5.00
C MET B 267 23.00 1.33 3.97
N ASP B 268 23.02 1.80 2.74
CA ASP B 268 23.90 1.20 1.76
C ASP B 268 25.31 1.76 1.88
N ARG B 269 25.40 3.08 2.01
CA ARG B 269 26.61 3.74 2.43
C ARG B 269 27.20 2.96 3.62
N VAL B 270 26.51 2.99 4.75
CA VAL B 270 26.99 2.36 5.95
C VAL B 270 27.53 0.94 5.69
N THR B 271 26.80 0.12 4.96
CA THR B 271 27.24 -1.26 4.73
C THR B 271 28.59 -1.29 4.04
N GLN B 272 28.76 -0.45 3.02
CA GLN B 272 30.01 -0.46 2.26
C GLN B 272 31.16 0.05 3.09
N GLN B 273 30.90 1.09 3.88
CA GLN B 273 31.90 1.65 4.76
C GLN B 273 32.40 0.61 5.77
N ASN B 274 31.50 -0.05 6.46
CA ASN B 274 31.96 -1.13 7.31
C ASN B 274 32.77 -2.21 6.57
N ALA B 275 32.52 -2.45 5.29
CA ALA B 275 33.30 -3.45 4.58
C ALA B 275 34.72 -2.95 4.54
N ALA B 276 34.86 -1.62 4.43
CA ALA B 276 36.16 -0.93 4.48
C ALA B 276 36.79 -1.20 5.83
N LEU B 277 36.04 -0.89 6.87
CA LEU B 277 36.48 -1.16 8.22
C LEU B 277 36.91 -2.62 8.35
N VAL B 278 36.14 -3.58 7.82
CA VAL B 278 36.47 -5.00 8.03
C VAL B 278 37.91 -5.36 7.64
N GLU B 279 38.33 -4.99 6.44
CA GLU B 279 39.65 -5.41 6.01
C GLU B 279 40.76 -4.45 6.53
N GLU B 280 40.44 -3.17 6.70
CA GLU B 280 41.33 -2.22 7.38
C GLU B 280 41.76 -2.80 8.72
N SER B 281 40.82 -3.42 9.40
CA SER B 281 41.11 -3.92 10.73
C SER B 281 41.64 -5.35 10.70
N ALA B 282 41.38 -6.13 9.66
CA ALA B 282 42.10 -7.39 9.58
C ALA B 282 43.60 -7.02 9.66
N ALA B 283 43.92 -5.93 8.94
CA ALA B 283 45.27 -5.43 8.74
C ALA B 283 45.88 -4.78 9.99
N ALA B 284 45.05 -4.15 10.81
CA ALA B 284 45.54 -3.71 12.11
C ALA B 284 45.91 -4.96 12.89
N ALA B 285 45.03 -5.96 12.85
CA ALA B 285 45.23 -7.22 13.61
C ALA B 285 46.48 -7.96 13.17
N ALA B 286 46.79 -7.93 11.89
CA ALA B 286 48.02 -8.57 11.44
C ALA B 286 49.29 -7.81 11.90
N ALA B 287 49.17 -6.47 11.98
CA ALA B 287 50.25 -5.57 12.43
C ALA B 287 50.51 -5.74 13.91
N LEU B 288 49.46 -5.73 14.71
CA LEU B 288 49.60 -6.10 16.11
C LEU B 288 50.29 -7.46 16.31
N GLU B 289 49.90 -8.46 15.52
CA GLU B 289 50.50 -9.78 15.65
C GLU B 289 52.00 -9.67 15.40
N GLU B 290 52.39 -8.81 14.46
CA GLU B 290 53.79 -8.58 14.14
C GLU B 290 54.58 -7.95 15.31
N GLN B 291 54.00 -6.92 15.94
CA GLN B 291 54.71 -6.30 17.06
C GLN B 291 54.87 -7.25 18.24
N ALA B 292 53.86 -8.04 18.53
CA ALA B 292 54.00 -9.09 19.49
C ALA B 292 55.21 -9.96 19.12
N SER B 293 55.31 -10.32 17.83
CA SER B 293 56.38 -11.18 17.43
C SER B 293 57.72 -10.51 17.63
N ARG B 294 57.79 -9.21 17.37
CA ARG B 294 59.06 -8.51 17.46
C ARG B 294 59.49 -8.44 18.94
N LEU B 295 58.50 -8.25 19.78
CA LEU B 295 58.75 -8.12 21.17
C LEU B 295 59.20 -9.43 21.71
N THR B 296 58.60 -10.56 21.35
CA THR B 296 59.15 -11.77 21.98
C THR B 296 60.57 -12.03 21.49
N GLU B 297 60.82 -11.77 20.19
CA GLU B 297 62.11 -12.06 19.58
C GLU B 297 63.17 -11.07 20.10
N ALA B 298 62.76 -9.89 20.52
CA ALA B 298 63.71 -8.95 21.07
C ALA B 298 64.37 -9.50 22.31
N VAL B 299 63.68 -10.40 23.00
CA VAL B 299 64.15 -10.93 24.26
C VAL B 299 64.26 -12.46 24.31
N ALA B 300 64.33 -13.12 23.17
CA ALA B 300 64.39 -14.57 23.21
C ALA B 300 65.83 -15.05 23.42
N VAL B 301 65.92 -16.27 23.93
CA VAL B 301 67.16 -17.03 23.94
C VAL B 301 67.33 -17.45 22.49
N PHE B 302 68.06 -16.63 21.73
CA PHE B 302 68.19 -16.79 20.27
C PHE B 302 69.66 -17.01 19.85
N ARG B 303 70.54 -16.99 20.83
CA ARG B 303 71.99 -17.27 20.60
C ARG B 303 72.74 -16.06 19.90
N ILE B 304 72.17 -14.84 20.11
CA ILE B 304 72.72 -13.52 19.69
C ILE B 304 73.94 -13.05 20.58
CL CL C . -3.95 -1.63 -0.28
CL CL D . 67.58 -18.64 39.10
#